data_7UPV
#
_entry.id   7UPV
#
_cell.length_a   50.896
_cell.length_b   69.141
_cell.length_c   59.123
_cell.angle_alpha   90.000
_cell.angle_beta   95.040
_cell.angle_gamma   90.000
#
_symmetry.space_group_name_H-M   'P 1 21 1'
#
loop_
_entity.id
_entity.type
_entity.pdbx_description
1 polymer Beta-amylase
2 non-polymer GLYCEROL
3 water water
#
_entity_poly.entity_id   1
_entity_poly.type   'polypeptide(L)'
_entity_poly.pdbx_seq_one_letter_code
;MLFPDDYTKTPYIPVYASLPMGIINSHCQLVDPESVRAELRQLKSLNVDGVVVDCWWGIVEAWTPRKYEWSGYRDLFGII
KEFKLKVQVVLSFHGSGETGSGDVLISLPKWIMEIAKENQDIFFTDREGRRNTECLSWGIDKERVLRGRTGIEVCFDFMR
SFHMEFRNLSEEGLVSSIEIGLGASGELRYPSCPETMGWKYPGIGEFQCYDRYMQKNLRQSALSRGHLFWARGPDNAGYY
NSRPHETGFFCDGGDYDSYYGRFFLNWYSGVLMDHVDQVLSLATLAFDGAEIVVKVPSIYWWYRTASHAAELTAGFYNTT
NRDGYSPVFRMLKKHSVILKLVCYGPEYTVHEKDDDEAFADPEGLTWQVINAAWDQGLPLCIESALPCRNGEAYSRILDT
AKPRDDPDRHHAASFAYRQQQQPPLREACLSELCTFVKCMHGEAPQNGEG
;
_entity_poly.pdbx_strand_id   A
#
# COMPACT_ATOMS: atom_id res chain seq x y z
N MET A 1 -15.00 -24.61 -18.96
CA MET A 1 -14.91 -23.18 -19.23
C MET A 1 -13.52 -22.65 -18.81
N LEU A 2 -13.44 -21.35 -18.54
CA LEU A 2 -12.14 -20.72 -18.31
C LEU A 2 -11.47 -21.24 -17.04
N PHE A 3 -12.22 -21.32 -15.93
CA PHE A 3 -11.67 -21.80 -14.68
C PHE A 3 -12.76 -22.57 -13.93
N PRO A 4 -12.39 -23.55 -13.10
CA PRO A 4 -13.40 -24.25 -12.31
C PRO A 4 -14.10 -23.29 -11.36
N ASP A 5 -15.43 -23.24 -11.43
CA ASP A 5 -16.17 -22.15 -10.83
C ASP A 5 -17.25 -22.64 -9.88
N ASP A 6 -16.91 -23.68 -9.11
CA ASP A 6 -17.86 -24.27 -8.13
C ASP A 6 -17.37 -23.98 -6.71
N TYR A 7 -17.75 -22.80 -6.17
CA TYR A 7 -17.33 -22.40 -4.81
C TYR A 7 -18.54 -22.42 -3.86
N THR A 8 -19.65 -23.02 -4.30
CA THR A 8 -20.83 -23.10 -3.47
C THR A 8 -20.45 -23.60 -2.08
N LYS A 9 -21.25 -23.21 -1.08
CA LYS A 9 -20.99 -23.55 0.33
C LYS A 9 -19.60 -23.07 0.75
N THR A 10 -19.24 -21.87 0.32
CA THR A 10 -18.08 -21.15 0.81
C THR A 10 -18.56 -19.76 1.21
N PRO A 11 -17.82 -19.07 2.09
CA PRO A 11 -18.32 -17.79 2.60
C PRO A 11 -18.50 -16.74 1.52
N TYR A 12 -19.45 -15.84 1.76
CA TYR A 12 -19.69 -14.68 0.90
C TYR A 12 -18.61 -13.66 1.23
N ILE A 13 -17.72 -13.39 0.27
CA ILE A 13 -16.66 -12.40 0.42
C ILE A 13 -17.04 -11.18 -0.41
N PRO A 14 -17.22 -10.00 0.20
CA PRO A 14 -17.65 -8.83 -0.57
C PRO A 14 -16.55 -8.35 -1.51
N VAL A 15 -16.96 -7.86 -2.69
CA VAL A 15 -16.06 -7.43 -3.75
C VAL A 15 -16.17 -5.92 -3.89
N TYR A 16 -15.03 -5.25 -3.99
CA TYR A 16 -15.00 -3.80 -4.16
C TYR A 16 -14.19 -3.47 -5.41
N ALA A 17 -14.70 -2.53 -6.20
CA ALA A 17 -14.05 -2.13 -7.44
C ALA A 17 -13.47 -0.72 -7.31
N SER A 18 -12.30 -0.51 -7.88
CA SER A 18 -11.74 0.84 -7.94
CA SER A 18 -11.76 0.84 -7.94
C SER A 18 -12.55 1.69 -8.93
N LEU A 19 -12.41 3.00 -8.79
CA LEU A 19 -13.02 3.99 -9.67
C LEU A 19 -11.95 4.67 -10.50
N PRO A 20 -12.32 5.32 -11.61
CA PRO A 20 -11.30 5.98 -12.45
C PRO A 20 -10.50 7.00 -11.64
N MET A 21 -9.20 7.04 -11.92
CA MET A 21 -8.31 7.88 -11.11
C MET A 21 -8.69 9.35 -11.17
N GLY A 22 -9.21 9.80 -12.30
CA GLY A 22 -9.52 11.21 -12.51
C GLY A 22 -10.98 11.55 -12.30
N ILE A 23 -11.67 10.74 -11.49
CA ILE A 23 -13.10 10.94 -11.25
C ILE A 23 -13.36 12.32 -10.65
N ILE A 24 -12.42 12.83 -9.87
CA ILE A 24 -12.48 14.15 -9.26
C ILE A 24 -11.23 14.92 -9.68
N ASN A 25 -11.41 16.17 -10.12
CA ASN A 25 -10.31 16.93 -10.70
C ASN A 25 -9.48 17.64 -9.62
N SER A 26 -8.44 18.34 -10.05
CA SER A 26 -7.50 18.97 -9.13
C SER A 26 -8.16 20.05 -8.28
N HIS A 27 -9.32 20.55 -8.69
CA HIS A 27 -10.06 21.52 -7.90
C HIS A 27 -11.15 20.88 -7.06
N CYS A 28 -11.10 19.55 -6.95
CA CYS A 28 -11.99 18.75 -6.10
C CYS A 28 -13.44 18.84 -6.58
N GLN A 29 -13.60 18.82 -7.90
CA GLN A 29 -14.93 18.78 -8.50
C GLN A 29 -15.13 17.43 -9.17
N LEU A 30 -16.31 16.84 -8.96
CA LEU A 30 -16.73 15.68 -9.73
C LEU A 30 -16.76 16.05 -11.21
N VAL A 31 -16.00 15.32 -12.03
CA VAL A 31 -15.84 15.75 -13.42
C VAL A 31 -17.12 15.54 -14.21
N ASP A 32 -17.83 14.45 -13.94
CA ASP A 32 -18.98 14.08 -14.77
C ASP A 32 -19.85 13.15 -13.94
N PRO A 33 -20.82 13.69 -13.18
CA PRO A 33 -21.69 12.81 -12.36
C PRO A 33 -22.40 11.73 -13.15
N GLU A 34 -22.89 12.06 -14.33
CA GLU A 34 -23.63 11.08 -15.12
C GLU A 34 -22.73 9.93 -15.56
N SER A 35 -21.44 10.21 -15.79
CA SER A 35 -20.49 9.14 -16.07
C SER A 35 -20.29 8.26 -14.85
N VAL A 36 -20.31 8.85 -13.65
CA VAL A 36 -20.22 8.06 -12.43
C VAL A 36 -21.45 7.17 -12.27
N ARG A 37 -22.64 7.71 -12.53
CA ARG A 37 -23.83 6.88 -12.49
C ARG A 37 -23.74 5.73 -13.48
N ALA A 38 -23.22 5.98 -14.69
CA ALA A 38 -23.09 4.92 -15.68
C ALA A 38 -22.16 3.81 -15.20
N GLU A 39 -21.02 4.18 -14.61
CA GLU A 39 -20.12 3.14 -14.12
C GLU A 39 -20.73 2.37 -12.95
N LEU A 40 -21.42 3.08 -12.05
CA LEU A 40 -22.01 2.41 -10.89
C LEU A 40 -23.14 1.47 -11.32
N ARG A 41 -23.90 1.87 -12.35
CA ARG A 41 -24.91 0.97 -12.92
C ARG A 41 -24.26 -0.34 -13.38
N GLN A 42 -23.16 -0.25 -14.13
CA GLN A 42 -22.51 -1.46 -14.60
C GLN A 42 -22.00 -2.32 -13.44
N LEU A 43 -21.46 -1.68 -12.39
CA LEU A 43 -20.93 -2.45 -11.26
C LEU A 43 -22.03 -3.22 -10.53
N LYS A 44 -23.19 -2.56 -10.32
CA LYS A 44 -24.34 -3.26 -9.74
C LYS A 44 -24.80 -4.42 -10.62
N SER A 45 -24.76 -4.22 -11.95
CA SER A 45 -25.10 -5.30 -12.87
C SER A 45 -24.18 -6.51 -12.68
N LEU A 46 -22.98 -6.31 -12.17
CA LEU A 46 -22.05 -7.40 -11.94
C LEU A 46 -22.17 -8.02 -10.55
N ASN A 47 -22.95 -7.40 -9.66
CA ASN A 47 -23.09 -7.74 -8.25
C ASN A 47 -21.89 -7.34 -7.42
N VAL A 48 -21.12 -6.37 -7.89
CA VAL A 48 -20.05 -5.83 -7.07
C VAL A 48 -20.66 -5.18 -5.83
N ASP A 49 -20.06 -5.43 -4.67
CA ASP A 49 -20.61 -4.94 -3.42
C ASP A 49 -20.33 -3.47 -3.17
N GLY A 50 -19.28 -2.92 -3.73
CA GLY A 50 -18.92 -1.56 -3.39
C GLY A 50 -17.78 -1.05 -4.24
N VAL A 51 -17.32 0.14 -3.87
CA VAL A 51 -16.28 0.84 -4.63
C VAL A 51 -15.17 1.27 -3.69
N VAL A 52 -13.99 1.44 -4.27
CA VAL A 52 -12.84 2.03 -3.59
C VAL A 52 -12.77 3.49 -4.00
N VAL A 53 -12.84 4.39 -3.03
CA VAL A 53 -12.78 5.83 -3.25
C VAL A 53 -11.46 6.33 -2.69
N ASP A 54 -10.55 6.77 -3.57
CA ASP A 54 -9.26 7.30 -3.18
C ASP A 54 -9.41 8.81 -2.94
N CYS A 55 -9.22 9.25 -1.69
CA CYS A 55 -9.27 10.66 -1.32
C CYS A 55 -7.85 11.21 -1.28
N TRP A 56 -7.52 12.05 -2.25
CA TRP A 56 -6.14 12.50 -2.45
C TRP A 56 -5.82 13.73 -1.62
N TRP A 57 -4.74 13.64 -0.83
CA TRP A 57 -4.30 14.77 -0.03
C TRP A 57 -4.10 16.02 -0.89
N GLY A 58 -3.48 15.85 -2.07
CA GLY A 58 -3.19 17.00 -2.91
C GLY A 58 -4.42 17.67 -3.50
N ILE A 59 -5.55 16.97 -3.55
CA ILE A 59 -6.79 17.57 -4.02
C ILE A 59 -7.53 18.28 -2.89
N VAL A 60 -7.52 17.69 -1.68
CA VAL A 60 -8.34 18.20 -0.58
C VAL A 60 -7.65 19.35 0.14
N GLU A 61 -6.38 19.19 0.52
CA GLU A 61 -5.63 20.28 1.15
C GLU A 61 -4.67 20.91 0.15
N ALA A 62 -5.24 21.39 -0.95
CA ALA A 62 -4.44 21.69 -2.14
C ALA A 62 -3.61 22.97 -1.97
N TRP A 63 -4.23 24.05 -1.51
CA TRP A 63 -3.69 25.39 -1.72
C TRP A 63 -3.03 26.01 -0.49
N THR A 64 -3.55 25.80 0.71
CA THR A 64 -2.93 26.40 1.88
C THR A 64 -3.18 25.50 3.07
N PRO A 65 -2.25 25.42 4.02
CA PRO A 65 -2.41 24.50 5.14
C PRO A 65 -3.68 24.79 5.94
N ARG A 66 -4.31 23.72 6.43
CA ARG A 66 -5.46 23.72 7.31
C ARG A 66 -6.75 24.15 6.62
N LYS A 67 -6.75 24.27 5.30
CA LYS A 67 -7.97 24.52 4.53
C LYS A 67 -8.21 23.29 3.67
N TYR A 68 -9.37 22.67 3.85
CA TYR A 68 -9.70 21.40 3.23
C TYR A 68 -10.93 21.56 2.35
N GLU A 69 -10.86 20.99 1.15
CA GLU A 69 -11.96 21.05 0.18
C GLU A 69 -12.46 19.64 -0.06
N TRP A 70 -13.74 19.39 0.24
CA TRP A 70 -14.29 18.05 0.19
C TRP A 70 -15.49 17.92 -0.74
N SER A 71 -15.88 18.97 -1.45
CA SER A 71 -17.19 18.97 -2.11
C SER A 71 -17.30 17.86 -3.15
N GLY A 72 -16.26 17.66 -3.96
CA GLY A 72 -16.29 16.58 -4.93
C GLY A 72 -16.54 15.23 -4.30
N TYR A 73 -15.91 14.98 -3.15
CA TYR A 73 -16.10 13.68 -2.48
C TYR A 73 -17.49 13.57 -1.86
N ARG A 74 -18.00 14.67 -1.30
CA ARG A 74 -19.39 14.69 -0.84
C ARG A 74 -20.34 14.31 -1.97
N ASP A 75 -20.17 14.93 -3.14
CA ASP A 75 -21.01 14.62 -4.29
C ASP A 75 -20.88 13.15 -4.69
N LEU A 76 -19.65 12.64 -4.72
CA LEU A 76 -19.42 11.25 -5.11
C LEU A 76 -20.05 10.27 -4.12
N PHE A 77 -19.84 10.51 -2.82
CA PHE A 77 -20.44 9.66 -1.80
C PHE A 77 -21.97 9.67 -1.92
N GLY A 78 -22.54 10.82 -2.27
CA GLY A 78 -23.99 10.88 -2.46
C GLY A 78 -24.48 9.99 -3.59
N ILE A 79 -23.76 10.00 -4.71
CA ILE A 79 -24.15 9.16 -5.84
C ILE A 79 -24.03 7.69 -5.48
N ILE A 80 -22.90 7.29 -4.89
CA ILE A 80 -22.70 5.90 -4.49
C ILE A 80 -23.81 5.44 -3.56
N LYS A 81 -24.23 6.31 -2.63
CA LYS A 81 -25.33 6.00 -1.73
C LYS A 81 -26.60 5.71 -2.51
N GLU A 82 -26.84 6.44 -3.60
CA GLU A 82 -28.03 6.20 -4.42
C GLU A 82 -28.05 4.80 -4.99
N PHE A 83 -26.89 4.19 -5.23
CA PHE A 83 -26.80 2.87 -5.83
C PHE A 83 -26.69 1.75 -4.81
N LYS A 84 -26.77 2.05 -3.51
CA LYS A 84 -26.74 1.03 -2.46
C LYS A 84 -25.46 0.21 -2.53
N LEU A 85 -24.34 0.91 -2.69
CA LEU A 85 -23.03 0.29 -2.72
C LEU A 85 -22.28 0.67 -1.45
N LYS A 86 -21.38 -0.20 -1.02
CA LYS A 86 -20.48 0.10 0.08
C LYS A 86 -19.27 0.87 -0.44
N VAL A 87 -18.53 1.47 0.48
CA VAL A 87 -17.37 2.29 0.14
C VAL A 87 -16.19 1.85 1.00
N GLN A 88 -15.09 1.49 0.35
CA GLN A 88 -13.78 1.41 0.99
C GLN A 88 -13.08 2.74 0.77
N VAL A 89 -12.96 3.55 1.82
CA VAL A 89 -12.28 4.83 1.69
C VAL A 89 -10.77 4.64 1.85
N VAL A 90 -9.99 5.30 0.99
CA VAL A 90 -8.54 5.30 1.09
C VAL A 90 -8.06 6.75 1.20
N LEU A 91 -7.35 7.05 2.28
CA LEU A 91 -6.75 8.37 2.45
C LEU A 91 -5.33 8.33 1.91
N SER A 92 -5.10 8.98 0.77
CA SER A 92 -3.82 8.92 0.08
C SER A 92 -3.02 10.17 0.41
N PHE A 93 -1.98 10.00 1.23
CA PHE A 93 -1.04 11.07 1.54
C PHE A 93 0.12 11.09 0.57
N HIS A 94 -0.11 10.69 -0.68
CA HIS A 94 0.94 10.63 -1.68
C HIS A 94 0.40 11.14 -3.00
N GLY A 95 1.31 11.42 -3.92
CA GLY A 95 0.96 11.69 -5.29
C GLY A 95 0.83 10.40 -6.08
N SER A 96 0.42 10.56 -7.33
CA SER A 96 0.36 9.41 -8.21
C SER A 96 1.70 9.25 -8.93
N GLY A 97 1.92 8.09 -9.52
CA GLY A 97 3.06 7.96 -10.42
C GLY A 97 4.36 7.44 -9.84
N GLU A 98 4.36 6.95 -8.59
CA GLU A 98 5.56 6.28 -8.09
C GLU A 98 5.97 5.13 -8.99
N THR A 99 4.99 4.48 -9.63
CA THR A 99 5.24 3.37 -10.55
C THR A 99 5.24 3.77 -12.01
N GLY A 100 4.74 4.96 -12.35
CA GLY A 100 4.64 5.36 -13.74
C GLY A 100 3.47 6.31 -13.93
N SER A 101 3.35 6.80 -15.17
CA SER A 101 2.52 7.96 -15.48
C SER A 101 1.11 7.84 -14.93
N GLY A 102 0.35 6.84 -15.39
CA GLY A 102 -1.04 6.72 -15.01
C GLY A 102 -1.95 7.68 -15.75
N ASP A 103 -3.26 7.48 -15.58
CA ASP A 103 -4.25 8.29 -16.28
C ASP A 103 -4.04 9.77 -16.03
N VAL A 104 -4.24 10.22 -14.80
CA VAL A 104 -4.08 11.62 -14.43
C VAL A 104 -2.85 11.77 -13.54
N LEU A 105 -2.42 13.02 -13.42
CA LEU A 105 -1.36 13.40 -12.49
C LEU A 105 -2.00 14.05 -11.27
N ILE A 106 -1.76 13.47 -10.10
CA ILE A 106 -2.19 14.05 -8.83
C ILE A 106 -0.94 14.20 -7.97
N SER A 107 -0.63 15.43 -7.60
CA SER A 107 0.59 15.73 -6.88
C SER A 107 0.30 15.86 -5.40
N LEU A 108 1.36 16.04 -4.62
CA LEU A 108 1.21 16.49 -3.26
C LEU A 108 0.63 17.89 -3.26
N PRO A 109 0.10 18.36 -2.12
CA PRO A 109 -0.41 19.73 -2.07
C PRO A 109 0.59 20.73 -2.62
N LYS A 110 0.07 21.70 -3.37
CA LYS A 110 0.90 22.79 -3.87
C LYS A 110 1.71 23.44 -2.75
N TRP A 111 1.09 23.63 -1.58
CA TRP A 111 1.80 24.31 -0.50
C TRP A 111 2.91 23.44 0.08
N ILE A 112 2.78 22.11 -0.02
CA ILE A 112 3.89 21.23 0.34
C ILE A 112 5.04 21.35 -0.65
N MET A 113 4.72 21.35 -1.95
CA MET A 113 5.78 21.49 -2.95
C MET A 113 6.52 22.81 -2.80
N GLU A 114 5.79 23.88 -2.42
CA GLU A 114 6.42 25.17 -2.15
C GLU A 114 7.41 25.07 -0.99
N ILE A 115 7.01 24.39 0.09
CA ILE A 115 7.93 24.17 1.21
C ILE A 115 9.16 23.41 0.73
N ALA A 116 8.95 22.42 -0.14
CA ALA A 116 10.04 21.56 -0.58
C ALA A 116 11.12 22.35 -1.29
N LYS A 117 10.76 23.44 -1.97
CA LYS A 117 11.76 24.20 -2.72
C LYS A 117 12.81 24.79 -1.80
N GLU A 118 12.46 25.11 -0.56
CA GLU A 118 13.44 25.59 0.41
C GLU A 118 13.97 24.47 1.31
N ASN A 119 13.27 23.35 1.41
CA ASN A 119 13.70 22.25 2.29
C ASN A 119 13.43 20.94 1.57
N GLN A 120 14.41 20.51 0.75
CA GLN A 120 14.29 19.25 0.04
C GLN A 120 14.35 18.04 0.97
N ASP A 121 14.75 18.22 2.22
CA ASP A 121 14.88 17.09 3.14
C ASP A 121 13.53 16.62 3.72
N ILE A 122 12.41 17.21 3.30
CA ILE A 122 11.10 16.66 3.66
C ILE A 122 10.75 15.45 2.83
N PHE A 123 11.53 15.14 1.81
CA PHE A 123 11.32 14.00 0.93
C PHE A 123 12.27 12.87 1.29
N PHE A 124 11.84 11.64 1.02
CA PHE A 124 12.77 10.52 1.05
C PHE A 124 13.89 10.77 0.05
N THR A 125 15.12 10.52 0.47
CA THR A 125 16.32 10.83 -0.28
C THR A 125 17.18 9.58 -0.37
N ASP A 126 17.76 9.34 -1.55
CA ASP A 126 18.62 8.19 -1.72
C ASP A 126 20.08 8.59 -1.57
N ARG A 127 20.96 7.59 -1.68
CA ARG A 127 22.38 7.82 -1.47
C ARG A 127 22.95 8.79 -2.49
N GLU A 128 22.34 8.88 -3.67
CA GLU A 128 22.79 9.77 -4.72
C GLU A 128 22.20 11.17 -4.59
N GLY A 129 21.41 11.43 -3.56
CA GLY A 129 20.85 12.76 -3.35
C GLY A 129 19.53 13.04 -4.06
N ARG A 130 19.00 12.08 -4.80
CA ARG A 130 17.71 12.26 -5.45
C ARG A 130 16.58 12.24 -4.42
N ARG A 131 15.63 13.14 -4.60
CA ARG A 131 14.48 13.26 -3.71
C ARG A 131 13.27 12.61 -4.36
N ASN A 132 12.53 11.85 -3.57
CA ASN A 132 11.26 11.28 -4.01
C ASN A 132 10.16 12.27 -3.66
N THR A 133 9.57 12.88 -4.68
CA THR A 133 8.59 13.93 -4.47
C THR A 133 7.17 13.39 -4.35
N GLU A 134 7.00 12.09 -4.12
CA GLU A 134 5.67 11.49 -4.10
C GLU A 134 5.03 11.49 -2.71
N CYS A 135 5.81 11.60 -1.65
CA CYS A 135 5.25 11.64 -0.31
C CYS A 135 6.30 12.23 0.63
N LEU A 136 5.91 12.43 1.87
CA LEU A 136 6.82 13.03 2.85
C LEU A 136 7.64 11.95 3.52
N SER A 137 8.90 12.26 3.76
CA SER A 137 9.73 11.34 4.52
C SER A 137 9.19 11.17 5.93
N TRP A 138 9.26 9.94 6.44
CA TRP A 138 8.95 9.68 7.84
C TRP A 138 9.92 10.37 8.77
N GLY A 139 11.04 10.89 8.26
CA GLY A 139 12.00 11.58 9.10
C GLY A 139 11.44 12.85 9.71
N ILE A 140 10.45 13.46 9.07
CA ILE A 140 9.83 14.68 9.59
C ILE A 140 8.55 14.37 10.37
N ASP A 141 8.39 13.14 10.86
CA ASP A 141 7.22 12.83 11.68
C ASP A 141 7.05 13.80 12.85
N LYS A 142 8.15 14.11 13.54
CA LYS A 142 8.14 14.94 14.74
C LYS A 142 8.89 16.25 14.53
N GLU A 143 9.14 16.62 13.29
CA GLU A 143 9.91 17.82 12.96
C GLU A 143 8.93 18.89 12.51
N ARG A 144 8.92 20.02 13.22
CA ARG A 144 8.00 21.11 12.94
C ARG A 144 8.55 21.94 11.76
N VAL A 145 8.52 21.31 10.59
CA VAL A 145 9.08 21.91 9.38
C VAL A 145 8.03 22.18 8.31
N LEU A 146 6.77 21.86 8.56
CA LEU A 146 5.72 22.08 7.57
C LEU A 146 4.89 23.30 7.95
N ARG A 147 5.51 24.47 7.79
CA ARG A 147 4.88 25.76 8.10
C ARG A 147 4.21 25.73 9.48
N GLY A 148 4.95 25.25 10.46
CA GLY A 148 4.49 25.25 11.84
C GLY A 148 3.90 23.94 12.33
N ARG A 149 3.80 22.92 11.46
CA ARG A 149 3.29 21.61 11.85
C ARG A 149 4.34 20.55 11.54
N THR A 150 4.19 19.40 12.19
CA THR A 150 5.02 18.23 11.93
C THR A 150 4.37 17.32 10.91
N GLY A 151 5.13 16.32 10.45
CA GLY A 151 4.58 15.36 9.51
C GLY A 151 3.36 14.63 10.07
N ILE A 152 3.43 14.26 11.35
CA ILE A 152 2.33 13.54 11.97
C ILE A 152 1.11 14.44 12.13
N GLU A 153 1.33 15.69 12.52
CA GLU A 153 0.21 16.61 12.74
C GLU A 153 -0.54 16.86 11.44
N VAL A 154 0.18 17.00 10.32
CA VAL A 154 -0.49 17.21 9.04
C VAL A 154 -1.36 16.02 8.68
N CYS A 155 -0.86 14.81 8.94
CA CYS A 155 -1.65 13.63 8.64
C CYS A 155 -2.84 13.52 9.58
N PHE A 156 -2.61 13.73 10.88
CA PHE A 156 -3.72 13.71 11.84
C PHE A 156 -4.78 14.75 11.50
N ASP A 157 -4.35 15.99 11.22
CA ASP A 157 -5.31 17.05 10.92
C ASP A 157 -6.15 16.70 9.70
N PHE A 158 -5.55 16.07 8.69
CA PHE A 158 -6.30 15.64 7.52
C PHE A 158 -7.34 14.60 7.88
N MET A 159 -6.94 13.62 8.69
CA MET A 159 -7.87 12.57 9.09
C MET A 159 -9.04 13.15 9.88
N ARG A 160 -8.75 14.03 10.84
CA ARG A 160 -9.82 14.66 11.61
C ARG A 160 -10.76 15.44 10.72
N SER A 161 -10.24 16.08 9.67
CA SER A 161 -11.10 16.83 8.78
C SER A 161 -12.04 15.90 8.01
N PHE A 162 -11.53 14.74 7.56
CA PHE A 162 -12.41 13.77 6.91
C PHE A 162 -13.53 13.32 7.84
N HIS A 163 -13.21 13.08 9.11
CA HIS A 163 -14.23 12.60 10.03
C HIS A 163 -15.25 13.68 10.36
N MET A 164 -14.80 14.92 10.58
CA MET A 164 -15.72 16.02 10.77
C MET A 164 -16.67 16.14 9.58
N GLU A 165 -16.12 16.01 8.36
CA GLU A 165 -16.92 16.17 7.17
C GLU A 165 -17.85 14.98 6.92
N PHE A 166 -17.46 13.78 7.35
CA PHE A 166 -18.13 12.57 6.88
C PHE A 166 -18.45 11.58 7.99
N ARG A 167 -18.65 12.04 9.22
CA ARG A 167 -18.93 11.11 10.30
C ARG A 167 -20.23 10.34 10.04
N ASN A 168 -21.21 10.98 9.41
CA ASN A 168 -22.50 10.33 9.15
C ASN A 168 -22.33 9.07 8.30
N LEU A 169 -21.51 9.14 7.26
CA LEU A 169 -21.38 8.04 6.31
C LEU A 169 -20.99 6.74 7.00
N SER A 170 -20.07 6.81 7.99
CA SER A 170 -19.69 5.61 8.71
C SER A 170 -20.83 5.11 9.58
N GLU A 171 -21.53 6.02 10.26
CA GLU A 171 -22.66 5.62 11.10
C GLU A 171 -23.76 4.98 10.27
N GLU A 172 -23.98 5.48 9.05
CA GLU A 172 -24.99 4.91 8.16
C GLU A 172 -24.62 3.54 7.61
N GLY A 173 -23.36 3.13 7.73
CA GLY A 173 -22.91 1.90 7.12
C GLY A 173 -22.44 2.05 5.69
N LEU A 174 -22.46 3.25 5.13
CA LEU A 174 -21.97 3.45 3.77
C LEU A 174 -20.49 3.08 3.65
N VAL A 175 -19.67 3.63 4.54
CA VAL A 175 -18.22 3.41 4.52
C VAL A 175 -17.92 2.16 5.33
N SER A 176 -17.36 1.14 4.67
CA SER A 176 -17.03 -0.11 5.34
C SER A 176 -15.72 -0.02 6.11
N SER A 177 -14.77 0.78 5.63
CA SER A 177 -13.45 0.80 6.21
C SER A 177 -12.75 2.06 5.71
N ILE A 178 -11.65 2.39 6.37
CA ILE A 178 -10.85 3.55 6.02
C ILE A 178 -9.40 3.10 5.96
N GLU A 179 -8.79 3.21 4.78
CA GLU A 179 -7.43 2.76 4.55
C GLU A 179 -6.48 3.94 4.64
N ILE A 180 -5.45 3.82 5.48
CA ILE A 180 -4.46 4.88 5.65
C ILE A 180 -3.36 4.63 4.61
N GLY A 181 -3.24 5.54 3.65
CA GLY A 181 -2.29 5.37 2.56
C GLY A 181 -0.93 5.97 2.85
N LEU A 182 -0.01 5.15 3.34
CA LEU A 182 1.14 5.62 4.12
C LEU A 182 2.28 6.15 3.25
N GLY A 183 2.77 5.34 2.31
CA GLY A 183 4.00 5.62 1.61
C GLY A 183 3.79 6.30 0.27
N ALA A 184 4.80 6.20 -0.59
CA ALA A 184 4.74 6.85 -1.89
C ALA A 184 3.66 6.28 -2.80
N SER A 185 3.23 5.03 -2.57
CA SER A 185 2.19 4.39 -3.36
C SER A 185 0.99 3.99 -2.52
N GLY A 186 0.88 4.48 -1.30
CA GLY A 186 -0.17 4.06 -0.39
C GLY A 186 0.10 2.77 0.34
N GLU A 187 1.17 2.05 -0.01
CA GLU A 187 1.55 0.81 0.66
C GLU A 187 2.58 1.08 1.75
N LEU A 188 2.54 0.26 2.78
CA LEU A 188 3.49 0.37 3.87
C LEU A 188 4.85 -0.10 3.36
N ARG A 189 5.73 0.85 3.05
CA ARG A 189 7.05 0.56 2.50
C ARG A 189 7.82 1.84 2.28
N TYR A 190 9.15 1.77 2.29
CA TYR A 190 9.94 2.86 1.75
C TYR A 190 9.80 2.89 0.22
N PRO A 191 9.97 4.05 -0.40
CA PRO A 191 9.91 4.11 -1.88
C PRO A 191 11.23 3.65 -2.51
N SER A 192 11.50 2.35 -2.39
CA SER A 192 12.79 1.82 -2.79
C SER A 192 12.88 1.45 -4.26
N CYS A 193 11.74 1.38 -4.97
CA CYS A 193 11.74 1.09 -6.42
C CYS A 193 11.12 2.19 -7.26
N PRO A 194 11.63 3.43 -7.23
CA PRO A 194 10.99 4.51 -8.01
C PRO A 194 11.21 4.31 -9.50
N GLU A 195 10.10 4.29 -10.26
CA GLU A 195 10.21 4.22 -11.71
C GLU A 195 10.85 5.49 -12.27
N THR A 196 10.50 6.65 -11.73
CA THR A 196 11.01 7.90 -12.26
C THR A 196 12.53 8.02 -12.10
N MET A 197 13.12 7.29 -11.14
CA MET A 197 14.56 7.31 -10.96
C MET A 197 15.25 6.17 -11.69
N GLY A 198 14.51 5.37 -12.46
CA GLY A 198 15.09 4.38 -13.32
C GLY A 198 14.99 2.95 -12.86
N TRP A 199 14.37 2.68 -11.71
CA TRP A 199 14.23 1.29 -11.26
C TRP A 199 13.43 0.50 -12.28
N LYS A 200 13.94 -0.68 -12.62
CA LYS A 200 13.20 -1.65 -13.40
C LYS A 200 13.29 -2.99 -12.70
N TYR A 201 12.17 -3.71 -12.67
CA TYR A 201 12.17 -5.08 -12.17
C TYR A 201 13.27 -5.87 -12.89
N PRO A 202 14.03 -6.73 -12.18
CA PRO A 202 13.95 -7.02 -10.74
C PRO A 202 14.97 -6.31 -9.86
N GLY A 203 15.23 -5.03 -10.09
CA GLY A 203 16.22 -4.34 -9.29
C GLY A 203 16.00 -4.45 -7.80
N ILE A 204 17.10 -4.55 -7.02
CA ILE A 204 16.96 -4.68 -5.57
C ILE A 204 16.41 -3.42 -4.91
N GLY A 205 16.36 -2.30 -5.63
CA GLY A 205 15.97 -1.02 -5.05
C GLY A 205 17.10 -0.45 -4.20
N GLU A 206 16.84 0.74 -3.64
CA GLU A 206 17.83 1.42 -2.80
C GLU A 206 17.23 1.85 -1.46
N PHE A 207 18.09 1.91 -0.46
CA PHE A 207 17.68 2.41 0.85
C PHE A 207 17.38 3.90 0.77
N GLN A 208 16.30 4.31 1.44
CA GLN A 208 15.80 5.67 1.32
C GLN A 208 15.98 6.43 2.62
N CYS A 209 17.18 6.41 3.19
CA CYS A 209 17.39 6.92 4.54
C CYS A 209 18.39 8.08 4.58
N TYR A 210 18.45 8.89 3.51
CA TYR A 210 19.50 9.88 3.38
C TYR A 210 19.03 11.32 3.52
N ASP A 211 17.75 11.57 3.78
CA ASP A 211 17.37 12.92 4.17
C ASP A 211 17.96 13.25 5.54
N ARG A 212 18.16 14.54 5.79
CA ARG A 212 18.97 14.92 6.95
C ARG A 212 18.31 14.58 8.27
N TYR A 213 16.97 14.47 8.32
CA TYR A 213 16.29 14.13 9.58
C TYR A 213 16.45 12.65 9.91
N MET A 214 16.29 11.77 8.92
CA MET A 214 16.53 10.35 9.17
C MET A 214 17.99 10.09 9.51
N GLN A 215 18.90 10.82 8.86
CA GLN A 215 20.32 10.66 9.19
C GLN A 215 20.61 11.08 10.62
N LYS A 216 19.96 12.15 11.10
CA LYS A 216 20.09 12.53 12.49
C LYS A 216 19.56 11.44 13.42
N ASN A 217 18.41 10.85 13.09
CA ASN A 217 17.91 9.71 13.86
C ASN A 217 18.92 8.58 13.85
N LEU A 218 19.45 8.25 12.66
CA LEU A 218 20.42 7.15 12.57
C LEU A 218 21.67 7.45 13.37
N ARG A 219 22.12 8.72 13.36
CA ARG A 219 23.29 9.08 14.15
C ARG A 219 23.05 8.87 15.64
N GLN A 220 21.89 9.32 16.14
CA GLN A 220 21.59 9.15 17.55
C GLN A 220 21.52 7.67 17.91
N SER A 221 20.92 6.86 17.04
CA SER A 221 20.81 5.42 17.31
C SER A 221 22.19 4.77 17.35
N ALA A 222 23.09 5.19 16.47
CA ALA A 222 24.44 4.63 16.44
C ALA A 222 25.21 5.02 17.70
N LEU A 223 25.15 6.30 18.06
CA LEU A 223 25.83 6.75 19.28
C LEU A 223 25.31 6.00 20.50
N SER A 224 24.01 5.74 20.57
CA SER A 224 23.48 5.02 21.71
C SER A 224 23.90 3.55 21.71
N ARG A 225 24.36 3.02 20.58
CA ARG A 225 25.00 1.71 20.55
C ARG A 225 26.49 1.77 20.83
N GLY A 226 27.06 2.97 20.94
CA GLY A 226 28.48 3.11 21.18
C GLY A 226 29.35 3.05 19.95
N HIS A 227 28.79 3.29 18.76
CA HIS A 227 29.50 3.11 17.49
C HIS A 227 29.28 4.35 16.63
N LEU A 228 30.14 5.36 16.79
CA LEU A 228 30.03 6.57 15.99
C LEU A 228 30.11 6.26 14.50
N PHE A 229 30.91 5.27 14.12
CA PHE A 229 31.06 4.94 12.70
C PHE A 229 29.87 4.20 12.12
N TRP A 230 28.96 3.71 12.96
CA TRP A 230 27.72 3.12 12.49
C TRP A 230 26.69 4.16 12.03
N ALA A 231 26.96 5.44 12.27
CA ALA A 231 26.08 6.52 11.83
C ALA A 231 26.25 6.73 10.32
N ARG A 232 25.85 5.71 9.56
CA ARG A 232 26.03 5.73 8.12
C ARG A 232 24.99 4.79 7.50
N GLY A 233 24.65 5.07 6.25
CA GLY A 233 23.93 4.12 5.46
C GLY A 233 24.91 3.24 4.71
N PRO A 234 24.47 2.05 4.29
CA PRO A 234 25.39 1.11 3.63
C PRO A 234 25.94 1.69 2.33
N ASP A 235 27.24 1.52 2.12
CA ASP A 235 27.90 2.03 0.93
C ASP A 235 28.22 0.94 -0.07
N ASN A 236 27.91 -0.31 0.27
CA ASN A 236 28.17 -1.44 -0.60
C ASN A 236 26.88 -2.19 -0.89
N ALA A 237 25.78 -1.46 -1.01
CA ALA A 237 24.47 -2.01 -1.32
C ALA A 237 24.11 -1.86 -2.79
N GLY A 238 25.03 -1.35 -3.61
CA GLY A 238 24.73 -1.26 -5.02
C GLY A 238 23.73 -0.14 -5.33
N TYR A 239 22.93 -0.38 -6.36
CA TYR A 239 22.06 0.65 -6.93
C TYR A 239 20.68 0.05 -7.19
N TYR A 240 19.77 0.91 -7.67
CA TYR A 240 18.37 0.52 -7.87
C TYR A 240 18.25 -0.77 -8.66
N ASN A 241 19.06 -0.95 -9.69
CA ASN A 241 18.95 -2.10 -10.57
C ASN A 241 20.03 -3.15 -10.34
N SER A 242 20.76 -3.08 -9.24
CA SER A 242 21.73 -4.13 -8.96
C SER A 242 21.03 -5.45 -8.65
N ARG A 243 21.77 -6.52 -8.84
CA ARG A 243 21.42 -7.83 -8.35
C ARG A 243 22.17 -8.08 -7.05
N PRO A 244 21.58 -8.79 -6.08
CA PRO A 244 22.23 -8.87 -4.75
C PRO A 244 23.62 -9.47 -4.78
N HIS A 245 23.86 -10.47 -5.64
CA HIS A 245 25.14 -11.15 -5.62
C HIS A 245 26.29 -10.19 -5.91
N GLU A 246 26.05 -9.14 -6.70
CA GLU A 246 27.09 -8.20 -7.09
C GLU A 246 27.23 -7.04 -6.09
N THR A 247 26.74 -7.20 -4.87
CA THR A 247 26.86 -6.19 -3.83
C THR A 247 27.50 -6.81 -2.60
N GLY A 248 28.29 -6.01 -1.88
CA GLY A 248 28.87 -6.48 -0.64
C GLY A 248 27.90 -6.53 0.51
N PHE A 249 26.83 -5.75 0.45
CA PHE A 249 25.85 -5.77 1.53
C PHE A 249 24.96 -7.00 1.44
N PHE A 250 24.45 -7.30 0.25
CA PHE A 250 23.36 -8.26 0.10
C PHE A 250 23.80 -9.66 -0.30
N CYS A 251 25.04 -9.84 -0.72
CA CYS A 251 25.46 -11.17 -1.18
C CYS A 251 25.52 -12.14 0.00
N ASP A 252 25.54 -13.44 -0.34
CA ASP A 252 25.71 -14.47 0.68
C ASP A 252 26.95 -14.18 1.52
N GLY A 253 26.79 -14.21 2.83
CA GLY A 253 27.88 -13.81 3.70
C GLY A 253 28.23 -12.33 3.63
N GLY A 254 27.36 -11.51 3.04
CA GLY A 254 27.59 -10.09 2.95
C GLY A 254 27.31 -9.36 4.25
N ASP A 255 27.43 -8.03 4.19
CA ASP A 255 27.39 -7.20 5.38
C ASP A 255 25.99 -7.05 5.97
N TYR A 256 24.94 -7.40 5.23
CA TYR A 256 23.61 -7.35 5.83
C TYR A 256 23.52 -8.18 7.10
N ASP A 257 24.37 -9.20 7.24
CA ASP A 257 24.44 -9.98 8.47
C ASP A 257 25.75 -9.77 9.20
N SER A 258 26.09 -8.53 9.48
CA SER A 258 27.17 -8.16 10.39
C SER A 258 26.56 -7.42 11.56
N TYR A 259 27.41 -7.06 12.54
CA TYR A 259 26.94 -6.21 13.63
C TYR A 259 26.40 -4.89 13.09
N TYR A 260 27.11 -4.28 12.15
CA TYR A 260 26.64 -3.01 11.58
C TYR A 260 25.37 -3.23 10.76
N GLY A 261 25.38 -4.24 9.89
CA GLY A 261 24.24 -4.48 9.02
C GLY A 261 22.98 -4.80 9.80
N ARG A 262 23.11 -5.61 10.84
CA ARG A 262 21.96 -5.91 11.69
C ARG A 262 21.48 -4.65 12.41
N PHE A 263 22.42 -3.82 12.87
CA PHE A 263 22.04 -2.56 13.49
C PHE A 263 21.27 -1.69 12.50
N PHE A 264 21.79 -1.57 11.27
CA PHE A 264 21.17 -0.66 10.32
C PHE A 264 19.79 -1.13 9.90
N LEU A 265 19.65 -2.44 9.65
CA LEU A 265 18.37 -2.98 9.21
C LEU A 265 17.34 -2.93 10.32
N ASN A 266 17.78 -3.14 11.57
CA ASN A 266 16.87 -2.98 12.69
C ASN A 266 16.42 -1.53 12.83
N TRP A 267 17.34 -0.59 12.66
CA TRP A 267 16.98 0.82 12.71
C TRP A 267 16.04 1.18 11.57
N TYR A 268 16.38 0.73 10.36
CA TYR A 268 15.64 1.09 9.15
C TYR A 268 14.22 0.55 9.21
N SER A 269 14.07 -0.73 9.50
CA SER A 269 12.73 -1.33 9.63
C SER A 269 12.01 -0.82 10.87
N GLY A 270 12.78 -0.45 11.92
CA GLY A 270 12.15 0.10 13.12
C GLY A 270 11.57 1.48 12.90
N VAL A 271 12.21 2.29 12.05
CA VAL A 271 11.63 3.59 11.72
C VAL A 271 10.30 3.42 11.01
N LEU A 272 10.21 2.45 10.10
CA LEU A 272 8.96 2.14 9.44
C LEU A 272 7.90 1.73 10.46
N MET A 273 8.27 0.80 11.35
CA MET A 273 7.32 0.32 12.34
C MET A 273 6.86 1.46 13.26
N ASP A 274 7.79 2.32 13.68
CA ASP A 274 7.42 3.43 14.55
C ASP A 274 6.51 4.42 13.83
N HIS A 275 6.74 4.65 12.54
CA HIS A 275 5.91 5.59 11.80
C HIS A 275 4.47 5.11 11.75
N VAL A 276 4.26 3.84 11.38
CA VAL A 276 2.91 3.33 11.28
C VAL A 276 2.27 3.23 12.64
N ASP A 277 3.06 2.86 13.66
CA ASP A 277 2.54 2.75 15.01
C ASP A 277 1.95 4.07 15.48
N GLN A 278 2.67 5.18 15.23
CA GLN A 278 2.21 6.49 15.66
C GLN A 278 1.02 6.97 14.84
N VAL A 279 1.01 6.68 13.53
CA VAL A 279 -0.09 7.13 12.69
C VAL A 279 -1.37 6.39 13.02
N LEU A 280 -1.28 5.08 13.26
CA LEU A 280 -2.48 4.30 13.56
C LEU A 280 -3.09 4.70 14.90
N SER A 281 -2.27 5.06 15.88
CA SER A 281 -2.83 5.53 17.14
C SER A 281 -3.70 6.76 16.91
N LEU A 282 -3.28 7.66 16.03
CA LEU A 282 -4.07 8.85 15.76
C LEU A 282 -5.22 8.55 14.81
N ALA A 283 -5.07 7.56 13.92
CA ALA A 283 -6.18 7.20 13.05
C ALA A 283 -7.34 6.62 13.86
N THR A 284 -7.02 5.82 14.89
CA THR A 284 -8.08 5.35 15.78
C THR A 284 -8.75 6.54 16.47
N LEU A 285 -7.97 7.55 16.87
CA LEU A 285 -8.55 8.75 17.47
C LEU A 285 -9.46 9.49 16.50
N ALA A 286 -9.02 9.64 15.25
CA ALA A 286 -9.80 10.46 14.31
C ALA A 286 -11.07 9.76 13.86
N PHE A 287 -11.08 8.42 13.83
CA PHE A 287 -12.18 7.65 13.27
C PHE A 287 -12.68 6.64 14.30
N ASP A 288 -13.18 7.14 15.43
CA ASP A 288 -13.65 6.26 16.49
C ASP A 288 -14.73 5.32 15.97
N GLY A 289 -14.50 4.01 16.12
CA GLY A 289 -15.46 3.00 15.72
C GLY A 289 -15.29 2.44 14.32
N ALA A 290 -14.44 3.05 13.49
CA ALA A 290 -14.27 2.61 12.11
C ALA A 290 -13.21 1.51 12.01
N GLU A 291 -13.40 0.64 11.03
CA GLU A 291 -12.36 -0.33 10.68
C GLU A 291 -11.24 0.37 9.93
N ILE A 292 -10.01 0.26 10.45
CA ILE A 292 -8.83 0.85 9.83
C ILE A 292 -8.08 -0.21 9.03
N VAL A 293 -7.65 0.16 7.81
CA VAL A 293 -6.96 -0.76 6.91
C VAL A 293 -5.58 -0.19 6.60
N VAL A 294 -4.57 -1.07 6.57
CA VAL A 294 -3.25 -0.71 6.07
C VAL A 294 -2.91 -1.68 4.94
N LYS A 295 -2.22 -1.19 3.93
CA LYS A 295 -1.90 -1.96 2.73
C LYS A 295 -0.42 -2.32 2.72
N VAL A 296 -0.11 -3.60 2.50
CA VAL A 296 1.27 -4.05 2.41
C VAL A 296 1.58 -4.57 1.01
N PRO A 297 2.80 -4.34 0.50
CA PRO A 297 3.15 -4.76 -0.85
C PRO A 297 3.61 -6.21 -0.90
N SER A 298 3.71 -6.73 -2.13
CA SER A 298 4.20 -8.08 -2.38
C SER A 298 5.56 -7.97 -3.06
N ILE A 299 6.61 -7.88 -2.26
CA ILE A 299 7.97 -7.74 -2.76
C ILE A 299 8.54 -9.15 -2.77
N TYR A 300 8.34 -9.85 -3.89
CA TYR A 300 8.69 -11.25 -3.97
C TYR A 300 9.97 -11.53 -4.75
N TRP A 301 10.58 -10.54 -5.38
CA TRP A 301 11.81 -10.82 -6.11
C TRP A 301 12.98 -10.85 -5.13
N TRP A 302 13.92 -11.76 -5.40
CA TRP A 302 15.02 -12.15 -4.51
C TRP A 302 14.54 -12.82 -3.24
N TYR A 303 13.27 -13.22 -3.18
CA TYR A 303 12.77 -13.98 -2.04
C TYR A 303 13.53 -15.29 -1.85
N ARG A 304 13.96 -15.92 -2.94
CA ARG A 304 14.74 -17.16 -2.86
C ARG A 304 16.24 -16.88 -2.76
N THR A 305 16.60 -15.96 -1.87
CA THR A 305 18.00 -15.67 -1.55
C THR A 305 18.13 -15.58 -0.04
N ALA A 306 19.38 -15.45 0.44
CA ALA A 306 19.59 -15.36 1.88
C ALA A 306 19.12 -14.02 2.43
N SER A 307 19.42 -12.94 1.72
CA SER A 307 19.24 -11.60 2.28
C SER A 307 17.94 -10.91 1.87
N HIS A 308 17.19 -11.45 0.91
CA HIS A 308 15.92 -10.84 0.46
C HIS A 308 16.08 -9.33 0.23
N ALA A 309 16.96 -8.95 -0.69
CA ALA A 309 17.41 -7.56 -0.76
C ALA A 309 16.25 -6.61 -1.04
N ALA A 310 15.31 -7.02 -1.91
CA ALA A 310 14.23 -6.12 -2.29
C ALA A 310 13.30 -5.83 -1.12
N GLU A 311 13.01 -6.84 -0.30
CA GLU A 311 12.25 -6.58 0.91
C GLU A 311 13.02 -5.67 1.85
N LEU A 312 14.33 -5.89 1.97
CA LEU A 312 15.14 -5.10 2.91
C LEU A 312 15.09 -3.61 2.57
N THR A 313 15.28 -3.26 1.29
CA THR A 313 15.29 -1.84 0.94
C THR A 313 13.90 -1.24 1.04
N ALA A 314 12.86 -2.05 0.82
CA ALA A 314 11.49 -1.57 1.03
C ALA A 314 11.17 -1.38 2.51
N GLY A 315 11.98 -1.94 3.41
CA GLY A 315 11.80 -1.73 4.84
C GLY A 315 11.30 -2.91 5.64
N PHE A 316 11.18 -4.10 5.04
CA PHE A 316 10.78 -5.29 5.75
C PHE A 316 12.00 -6.17 6.00
N TYR A 317 12.40 -6.26 7.26
CA TYR A 317 13.62 -6.96 7.66
C TYR A 317 13.34 -8.47 7.68
N ASN A 318 13.11 -9.01 6.48
CA ASN A 318 12.74 -10.39 6.26
C ASN A 318 13.88 -11.07 5.52
N THR A 319 14.61 -11.94 6.21
CA THR A 319 15.72 -12.68 5.62
C THR A 319 15.46 -14.17 5.81
N THR A 320 16.34 -15.00 5.27
CA THR A 320 16.18 -16.44 5.49
C THR A 320 16.30 -16.79 6.98
N ASN A 321 16.88 -15.92 7.80
CA ASN A 321 17.01 -16.17 9.23
C ASN A 321 16.11 -15.28 10.08
N ARG A 322 15.35 -14.36 9.49
CA ARG A 322 14.58 -13.42 10.28
C ARG A 322 13.21 -13.19 9.66
N ASP A 323 12.16 -13.38 10.45
CA ASP A 323 10.79 -13.09 10.03
C ASP A 323 10.59 -11.57 10.13
N GLY A 324 10.47 -10.92 8.98
CA GLY A 324 10.24 -9.49 8.91
C GLY A 324 8.80 -9.02 8.90
N TYR A 325 7.83 -9.94 8.87
CA TYR A 325 6.42 -9.54 8.82
C TYR A 325 5.70 -9.67 10.14
N SER A 326 5.98 -10.73 10.90
CA SER A 326 5.33 -10.93 12.18
C SER A 326 5.54 -9.78 13.15
N PRO A 327 6.74 -9.20 13.31
CA PRO A 327 6.85 -8.03 14.19
C PRO A 327 5.96 -6.88 13.72
N VAL A 328 5.91 -6.63 12.42
CA VAL A 328 5.04 -5.58 11.90
C VAL A 328 3.57 -5.91 12.19
N PHE A 329 3.20 -7.19 12.04
CA PHE A 329 1.80 -7.57 12.17
C PHE A 329 1.37 -7.63 13.63
N ARG A 330 2.28 -7.98 14.54
CA ARG A 330 1.99 -7.84 15.96
C ARG A 330 1.64 -6.40 16.31
N MET A 331 2.39 -5.45 15.76
CA MET A 331 2.12 -4.03 16.01
C MET A 331 0.79 -3.62 15.39
N LEU A 332 0.48 -4.14 14.19
CA LEU A 332 -0.81 -3.87 13.57
C LEU A 332 -1.96 -4.43 14.41
N LYS A 333 -1.76 -5.63 14.96
CA LYS A 333 -2.82 -6.26 15.76
C LYS A 333 -3.16 -5.43 16.98
N LYS A 334 -2.18 -4.74 17.57
CA LYS A 334 -2.44 -3.92 18.74
C LYS A 334 -3.28 -2.69 18.40
N HIS A 335 -3.42 -2.35 17.13
CA HIS A 335 -4.28 -1.26 16.71
C HIS A 335 -5.60 -1.76 16.13
N SER A 336 -5.81 -3.08 16.10
CA SER A 336 -7.07 -3.67 15.65
C SER A 336 -7.33 -3.38 14.17
N VAL A 337 -6.27 -3.22 13.38
CA VAL A 337 -6.43 -2.88 11.97
C VAL A 337 -6.61 -4.14 11.13
N ILE A 338 -7.12 -3.94 9.93
CA ILE A 338 -7.24 -4.98 8.91
C ILE A 338 -6.06 -4.84 7.97
N LEU A 339 -5.44 -5.97 7.63
CA LEU A 339 -4.34 -5.99 6.68
C LEU A 339 -4.89 -6.19 5.27
N LYS A 340 -4.55 -5.28 4.37
CA LYS A 340 -4.84 -5.45 2.95
C LYS A 340 -3.55 -5.84 2.24
N LEU A 341 -3.55 -7.00 1.61
CA LEU A 341 -2.37 -7.51 0.93
C LEU A 341 -2.56 -7.40 -0.57
N VAL A 342 -1.61 -6.73 -1.23
CA VAL A 342 -1.58 -6.66 -2.68
C VAL A 342 -1.10 -7.99 -3.20
N CYS A 343 -1.94 -8.69 -3.94
CA CYS A 343 -1.66 -10.01 -4.46
C CYS A 343 -1.80 -10.00 -5.97
N TYR A 344 -0.90 -10.73 -6.64
CA TYR A 344 -1.04 -11.02 -8.07
C TYR A 344 -1.38 -9.76 -8.87
N GLY A 345 -0.51 -8.76 -8.73
CA GLY A 345 -0.72 -7.47 -9.35
C GLY A 345 -0.51 -7.52 -10.86
N PRO A 346 -0.55 -6.35 -11.50
CA PRO A 346 -0.34 -6.31 -12.94
C PRO A 346 1.08 -6.71 -13.30
N GLU A 347 1.25 -7.10 -14.57
CA GLU A 347 2.54 -7.54 -15.08
C GLU A 347 3.12 -8.63 -14.18
N TYR A 348 2.35 -9.69 -13.97
CA TYR A 348 2.77 -10.72 -13.03
C TYR A 348 3.86 -11.61 -13.64
N THR A 349 3.90 -11.72 -14.96
CA THR A 349 4.89 -12.51 -15.67
C THR A 349 6.32 -11.99 -15.57
N VAL A 350 6.57 -11.02 -14.70
CA VAL A 350 7.95 -10.67 -14.44
C VAL A 350 8.64 -11.92 -13.89
N HIS A 351 7.88 -12.97 -13.61
CA HIS A 351 8.45 -14.25 -13.20
C HIS A 351 7.80 -15.49 -13.82
N GLU A 352 6.57 -15.37 -14.35
CA GLU A 352 6.03 -16.51 -15.12
C GLU A 352 7.21 -16.89 -16.02
N LYS A 353 7.54 -16.02 -16.98
CA LYS A 353 8.79 -16.18 -17.70
C LYS A 353 9.84 -15.48 -16.86
N ASP A 354 10.58 -16.26 -16.08
CA ASP A 354 11.67 -15.72 -15.29
C ASP A 354 12.84 -15.36 -16.20
N ASP A 355 12.56 -14.61 -17.26
CA ASP A 355 13.63 -14.14 -18.15
C ASP A 355 14.63 -13.28 -17.40
N ASP A 356 14.19 -12.63 -16.32
CA ASP A 356 15.05 -11.78 -15.53
C ASP A 356 15.86 -12.54 -14.48
N GLU A 357 15.60 -13.84 -14.30
CA GLU A 357 16.30 -14.67 -13.32
C GLU A 357 16.34 -13.99 -11.96
N ALA A 358 15.15 -13.72 -11.43
CA ALA A 358 14.97 -12.83 -10.29
C ALA A 358 14.94 -13.55 -8.95
N PHE A 359 15.14 -14.88 -8.93
CA PHE A 359 15.09 -15.65 -7.68
C PHE A 359 13.81 -15.34 -6.90
N ALA A 360 12.70 -15.21 -7.64
CA ALA A 360 11.44 -14.75 -7.10
C ALA A 360 10.57 -15.93 -6.67
N ASP A 361 9.64 -15.64 -5.76
CA ASP A 361 8.64 -16.62 -5.35
C ASP A 361 7.38 -15.88 -4.93
N PRO A 362 6.56 -15.47 -5.90
CA PRO A 362 5.34 -14.73 -5.53
C PRO A 362 4.41 -15.54 -4.64
N GLU A 363 4.20 -16.82 -4.97
CA GLU A 363 3.31 -17.63 -4.16
C GLU A 363 3.85 -17.82 -2.75
N GLY A 364 5.16 -18.06 -2.62
CA GLY A 364 5.75 -18.27 -1.31
C GLY A 364 5.66 -17.03 -0.44
N LEU A 365 6.00 -15.87 -1.01
CA LEU A 365 5.88 -14.64 -0.25
C LEU A 365 4.44 -14.40 0.19
N THR A 366 3.50 -14.55 -0.74
CA THR A 366 2.09 -14.35 -0.42
C THR A 366 1.68 -15.17 0.79
N TRP A 367 2.04 -16.44 0.81
CA TRP A 367 1.59 -17.30 1.89
C TRP A 367 2.41 -17.12 3.16
N GLN A 368 3.65 -16.63 3.09
CA GLN A 368 4.32 -16.24 4.32
C GLN A 368 3.59 -15.07 4.96
N VAL A 369 3.22 -14.08 4.16
CA VAL A 369 2.54 -12.90 4.69
C VAL A 369 1.16 -13.26 5.21
N ILE A 370 0.41 -14.07 4.46
CA ILE A 370 -0.92 -14.46 4.91
C ILE A 370 -0.85 -15.27 6.20
N ASN A 371 0.05 -16.26 6.24
CA ASN A 371 0.15 -17.07 7.45
C ASN A 371 0.65 -16.24 8.64
N ALA A 372 1.59 -15.32 8.39
CA ALA A 372 2.05 -14.44 9.47
C ALA A 372 0.88 -13.64 10.04
N ALA A 373 0.00 -13.12 9.17
CA ALA A 373 -1.14 -12.35 9.64
C ALA A 373 -2.14 -13.21 10.40
N TRP A 374 -2.44 -14.41 9.89
CA TRP A 374 -3.39 -15.27 10.58
C TRP A 374 -2.83 -15.77 11.90
N ASP A 375 -1.51 -15.97 11.98
CA ASP A 375 -0.88 -16.28 13.26
C ASP A 375 -1.13 -15.17 14.28
N GLN A 376 -1.35 -13.94 13.82
CA GLN A 376 -1.60 -12.79 14.67
C GLN A 376 -3.07 -12.57 14.98
N GLY A 377 -3.98 -13.28 14.31
CA GLY A 377 -5.37 -12.90 14.40
C GLY A 377 -5.65 -11.59 13.70
N LEU A 378 -4.87 -11.25 12.68
CA LEU A 378 -5.12 -10.06 11.86
C LEU A 378 -6.11 -10.41 10.76
N PRO A 379 -7.26 -9.74 10.67
CA PRO A 379 -8.14 -9.95 9.51
C PRO A 379 -7.45 -9.53 8.23
N LEU A 380 -7.82 -10.19 7.13
CA LEU A 380 -7.11 -10.08 5.87
C LEU A 380 -8.04 -9.62 4.75
N CYS A 381 -7.65 -8.56 4.07
CA CYS A 381 -8.28 -8.10 2.84
C CYS A 381 -7.31 -8.38 1.70
N ILE A 382 -7.83 -8.72 0.53
CA ILE A 382 -7.00 -8.98 -0.64
C ILE A 382 -7.29 -7.92 -1.70
N GLU A 383 -6.23 -7.41 -2.33
CA GLU A 383 -6.34 -6.57 -3.50
C GLU A 383 -5.54 -7.19 -4.63
N SER A 384 -6.12 -7.24 -5.83
CA SER A 384 -5.44 -7.86 -6.95
CA SER A 384 -5.45 -7.87 -6.96
C SER A 384 -5.84 -7.17 -8.24
N ALA A 385 -4.99 -7.34 -9.25
CA ALA A 385 -5.33 -6.92 -10.59
C ALA A 385 -6.37 -7.88 -11.16
N LEU A 386 -7.25 -7.35 -11.96
CA LEU A 386 -8.23 -8.29 -12.50
C LEU A 386 -7.80 -8.75 -13.88
N PRO A 387 -7.72 -10.06 -14.14
CA PRO A 387 -7.44 -10.51 -15.51
C PRO A 387 -8.65 -10.29 -16.38
N CYS A 388 -8.55 -10.62 -17.67
CA CYS A 388 -9.71 -10.66 -18.54
C CYS A 388 -10.11 -12.09 -18.92
N ARG A 389 -9.18 -12.88 -19.47
CA ARG A 389 -9.49 -14.24 -19.88
C ARG A 389 -8.34 -15.19 -19.55
N ASN A 390 -7.83 -15.12 -18.31
CA ASN A 390 -6.89 -16.12 -17.81
C ASN A 390 -7.57 -16.82 -16.65
N GLY A 391 -7.99 -18.07 -16.89
CA GLY A 391 -8.67 -18.81 -15.84
C GLY A 391 -7.77 -19.08 -14.65
N GLU A 392 -6.48 -19.33 -14.90
CA GLU A 392 -5.57 -19.62 -13.80
C GLU A 392 -5.36 -18.39 -12.91
N ALA A 393 -5.38 -17.19 -13.49
CA ALA A 393 -5.28 -15.99 -12.66
C ALA A 393 -6.53 -15.80 -11.82
N TYR A 394 -7.71 -16.14 -12.36
CA TYR A 394 -8.94 -16.06 -11.59
C TYR A 394 -8.94 -17.05 -10.44
N SER A 395 -8.57 -18.31 -10.71
CA SER A 395 -8.55 -19.33 -9.66
C SER A 395 -7.51 -19.00 -8.59
N ARG A 396 -6.40 -18.41 -8.99
CA ARG A 396 -5.36 -18.04 -8.03
C ARG A 396 -5.91 -17.06 -7.00
N ILE A 397 -6.64 -16.04 -7.44
CA ILE A 397 -7.25 -15.10 -6.52
C ILE A 397 -8.27 -15.81 -5.63
N LEU A 398 -9.13 -16.62 -6.23
CA LEU A 398 -10.15 -17.31 -5.44
C LEU A 398 -9.53 -18.26 -4.43
N ASP A 399 -8.48 -18.98 -4.82
CA ASP A 399 -7.86 -19.93 -3.90
C ASP A 399 -7.00 -19.24 -2.85
N THR A 400 -6.69 -17.95 -3.05
CA THR A 400 -6.03 -17.15 -2.02
C THR A 400 -7.03 -16.52 -1.06
N ALA A 401 -8.17 -16.04 -1.57
CA ALA A 401 -9.21 -15.49 -0.70
C ALA A 401 -9.90 -16.58 0.11
N LYS A 402 -10.02 -17.78 -0.45
CA LYS A 402 -10.72 -18.90 0.19
C LYS A 402 -9.75 -20.08 0.24
N PRO A 403 -8.85 -20.07 1.22
CA PRO A 403 -7.58 -20.82 1.06
C PRO A 403 -7.75 -22.32 0.88
N ARG A 404 -8.74 -22.91 1.56
CA ARG A 404 -8.99 -24.37 1.45
C ARG A 404 -7.97 -25.15 2.30
N ASP A 405 -6.70 -24.76 2.28
CA ASP A 405 -5.68 -25.49 3.05
C ASP A 405 -5.75 -25.19 4.54
N ASP A 406 -6.48 -24.15 4.95
CA ASP A 406 -6.55 -23.74 6.34
C ASP A 406 -7.65 -24.50 7.07
N PRO A 407 -7.38 -24.97 8.29
CA PRO A 407 -8.41 -25.74 9.00
C PRO A 407 -9.55 -24.89 9.52
N ASP A 408 -9.26 -23.66 9.96
CA ASP A 408 -10.26 -22.78 10.53
C ASP A 408 -11.08 -22.05 9.49
N ARG A 409 -10.96 -22.41 8.21
CA ARG A 409 -11.69 -21.76 7.13
C ARG A 409 -11.44 -20.24 7.14
N HIS A 410 -10.17 -19.87 7.19
CA HIS A 410 -9.73 -18.48 7.20
C HIS A 410 -9.93 -17.81 5.84
N HIS A 411 -11.06 -17.15 5.63
CA HIS A 411 -11.24 -16.47 4.36
C HIS A 411 -10.86 -15.00 4.47
N ALA A 412 -10.63 -14.37 3.32
CA ALA A 412 -10.43 -12.93 3.29
C ALA A 412 -11.71 -12.20 3.67
N ALA A 413 -11.56 -11.09 4.41
CA ALA A 413 -12.71 -10.29 4.80
C ALA A 413 -13.32 -9.57 3.60
N SER A 414 -12.52 -9.27 2.59
CA SER A 414 -13.02 -8.60 1.39
C SER A 414 -12.01 -8.79 0.28
N PHE A 415 -12.48 -8.61 -0.95
CA PHE A 415 -11.62 -8.56 -2.12
C PHE A 415 -11.85 -7.23 -2.84
N ALA A 416 -10.77 -6.57 -3.23
CA ALA A 416 -10.83 -5.33 -3.98
C ALA A 416 -9.98 -5.46 -5.23
N TYR A 417 -10.48 -4.94 -6.35
CA TYR A 417 -9.70 -4.97 -7.58
C TYR A 417 -9.58 -3.56 -8.17
N ARG A 418 -8.46 -3.33 -8.84
CA ARG A 418 -8.18 -2.04 -9.44
C ARG A 418 -8.40 -2.09 -10.95
N ARG A 426 -16.05 -4.53 -23.10
CA ARG A 426 -16.09 -5.81 -23.80
C ARG A 426 -16.69 -6.88 -22.89
N GLU A 427 -17.85 -7.43 -23.28
CA GLU A 427 -18.51 -8.43 -22.46
C GLU A 427 -17.75 -9.74 -22.42
N ALA A 428 -16.62 -9.84 -23.13
CA ALA A 428 -15.70 -10.95 -22.90
C ALA A 428 -15.20 -10.94 -21.46
N CYS A 429 -14.50 -9.87 -21.07
CA CYS A 429 -14.05 -9.76 -19.68
C CYS A 429 -15.21 -9.64 -18.70
N LEU A 430 -16.31 -9.00 -19.11
CA LEU A 430 -17.44 -8.81 -18.19
C LEU A 430 -18.04 -10.15 -17.77
N SER A 431 -18.27 -11.05 -18.73
CA SER A 431 -18.86 -12.34 -18.39
C SER A 431 -17.98 -13.13 -17.43
N GLU A 432 -16.67 -13.16 -17.68
CA GLU A 432 -15.75 -13.86 -16.77
C GLU A 432 -15.73 -13.17 -15.41
N LEU A 433 -15.65 -11.84 -15.40
CA LEU A 433 -15.71 -11.10 -14.15
C LEU A 433 -17.00 -11.39 -13.39
N CYS A 434 -18.11 -11.52 -14.11
CA CYS A 434 -19.37 -11.81 -13.43
C CYS A 434 -19.30 -13.19 -12.76
N THR A 435 -18.76 -14.18 -13.47
CA THR A 435 -18.59 -15.50 -12.89
C THR A 435 -17.67 -15.46 -11.67
N PHE A 436 -16.61 -14.66 -11.76
CA PHE A 436 -15.66 -14.55 -10.65
C PHE A 436 -16.35 -14.00 -9.40
N VAL A 437 -17.13 -12.94 -9.57
CA VAL A 437 -17.86 -12.34 -8.44
C VAL A 437 -18.80 -13.35 -7.79
N LYS A 438 -19.51 -14.14 -8.60
CA LYS A 438 -20.38 -15.16 -8.00
C LYS A 438 -19.56 -16.19 -7.23
N CYS A 439 -18.39 -16.58 -7.77
CA CYS A 439 -17.47 -17.44 -7.03
C CYS A 439 -17.05 -16.79 -5.72
N MET A 440 -16.68 -15.51 -5.77
CA MET A 440 -16.27 -14.82 -4.56
C MET A 440 -17.42 -14.72 -3.57
N HIS A 441 -18.65 -14.66 -4.06
CA HIS A 441 -19.82 -14.64 -3.21
C HIS A 441 -20.26 -16.03 -2.75
N GLY A 442 -19.62 -17.10 -3.25
CA GLY A 442 -20.03 -18.44 -2.87
C GLY A 442 -21.33 -18.89 -3.49
N GLU A 443 -21.68 -18.38 -4.65
CA GLU A 443 -22.94 -18.70 -5.31
C GLU A 443 -22.71 -19.66 -6.47
N ALA A 444 -23.77 -20.38 -6.84
CA ALA A 444 -23.73 -21.17 -8.06
C ALA A 444 -23.62 -20.23 -9.25
N PRO A 445 -22.72 -20.48 -10.21
CA PRO A 445 -22.31 -19.41 -11.13
C PRO A 445 -23.23 -19.17 -12.31
N GLN A 446 -24.04 -20.13 -12.72
CA GLN A 446 -24.72 -20.04 -14.00
C GLN A 446 -25.74 -18.89 -14.01
N ASN A 447 -25.66 -18.07 -15.05
CA ASN A 447 -26.64 -17.01 -15.33
C ASN A 447 -26.75 -15.95 -14.24
#